data_8VIQ
#
_entry.id   8VIQ
#
_cell.length_a   42.728
_cell.length_b   56.433
_cell.length_c   81.803
_cell.angle_alpha   90.00
_cell.angle_beta   90.00
_cell.angle_gamma   90.00
#
_symmetry.space_group_name_H-M   'P 21 21 21'
#
loop_
_entity.id
_entity.type
_entity.pdbx_description
1 polymer 'FATTY ACID KINASE A'
2 non-polymer 'PHOSPHOAMINOPHOSPHONIC ACID-ADENYLATE ESTER'
3 non-polymer 'MAGNESIUM ION'
4 water water
#
_entity_poly.entity_id   1
_entity_poly.type   'polypeptide(L)'
_entity_poly.pdbx_seq_one_letter_code
;MGSSHHHHHHSSGLVPRGSHMISKINGKLFADMIIQGAQNLSNNADLVDSLNVYPVPDGDTGTNMNLTMTSGREEVENNL
SKNIGELGKTFSKGLLMGARGNSGVILSQLFRGFCKNIESESEINSKLLAESFQAGVETAYKAVMKPVEGTILTVAKDAA
QAAIEKANNTEDCIELMEYIIVKANESLENTPNLLAVLKEVGVVDSGGKGLLCVYEGFLKALKGEKVEAKVA
;
_entity_poly.pdbx_strand_id   A
#
# COMPACT_ATOMS: atom_id res chain seq x y z
N MET A 21 21.73 -3.89 4.15
CA MET A 21 20.41 -4.38 4.61
C MET A 21 19.74 -3.39 5.56
N ILE A 22 18.44 -3.53 5.71
CA ILE A 22 17.62 -2.66 6.53
C ILE A 22 17.06 -3.52 7.66
N SER A 23 17.58 -3.35 8.88
CA SER A 23 17.03 -4.11 9.99
CA SER A 23 17.06 -4.09 10.02
C SER A 23 15.91 -3.38 10.71
N LYS A 24 15.88 -2.05 10.65
CA LYS A 24 14.83 -1.27 11.29
C LYS A 24 14.45 -0.11 10.40
N ILE A 25 13.17 0.25 10.46
CA ILE A 25 12.58 1.34 9.68
C ILE A 25 12.17 2.43 10.65
N ASN A 26 12.88 3.56 10.62
CA ASN A 26 12.54 4.72 11.43
C ASN A 26 11.54 5.61 10.69
N GLY A 27 11.17 6.73 11.31
CA GLY A 27 10.15 7.57 10.74
C GLY A 27 10.53 8.19 9.40
N LYS A 28 11.81 8.53 9.21
CA LYS A 28 12.22 9.09 7.93
C LYS A 28 12.26 8.04 6.83
N LEU A 29 12.66 6.81 7.15
CA LEU A 29 12.60 5.77 6.14
C LEU A 29 11.14 5.46 5.76
N PHE A 30 10.23 5.44 6.73
CA PHE A 30 8.82 5.28 6.40
C PHE A 30 8.32 6.43 5.55
N ALA A 31 8.70 7.67 5.90
CA ALA A 31 8.34 8.81 5.05
C ALA A 31 8.83 8.62 3.62
N ASP A 32 10.08 8.15 3.45
CA ASP A 32 10.59 7.92 2.11
C ASP A 32 9.77 6.86 1.38
N MET A 33 9.39 5.79 2.08
CA MET A 33 8.54 4.77 1.49
C MET A 33 7.23 5.39 0.98
N ILE A 34 6.63 6.24 1.81
CA ILE A 34 5.39 6.91 1.43
C ILE A 34 5.60 7.79 0.21
N ILE A 35 6.68 8.59 0.21
CA ILE A 35 6.94 9.53 -0.86
C ILE A 35 7.21 8.80 -2.17
N GLN A 36 8.08 7.78 -2.13
CA GLN A 36 8.40 7.05 -3.35
C GLN A 36 7.24 6.17 -3.81
N GLY A 37 6.50 5.58 -2.86
CA GLY A 37 5.29 4.87 -3.23
C GLY A 37 4.27 5.77 -3.90
N ALA A 38 4.09 6.97 -3.36
CA ALA A 38 3.19 7.94 -3.97
C ALA A 38 3.65 8.33 -5.36
N GLN A 39 4.95 8.58 -5.54
CA GLN A 39 5.45 8.96 -6.85
C GLN A 39 5.27 7.84 -7.87
N ASN A 40 5.52 6.60 -7.46
CA ASN A 40 5.38 5.50 -8.39
C ASN A 40 3.93 5.30 -8.79
N LEU A 41 3.01 5.45 -7.84
CA LEU A 41 1.58 5.41 -8.16
C LEU A 41 1.20 6.54 -9.11
N SER A 42 1.68 7.76 -8.83
CA SER A 42 1.38 8.88 -9.72
CA SER A 42 1.40 8.90 -9.72
C SER A 42 1.85 8.59 -11.14
N ASN A 43 3.06 8.05 -11.28
CA ASN A 43 3.59 7.75 -12.61
C ASN A 43 2.72 6.73 -13.34
N ASN A 44 2.06 5.86 -12.59
CA ASN A 44 1.27 4.77 -13.15
C ASN A 44 -0.21 5.03 -13.12
N ALA A 45 -0.63 6.25 -12.77
CA ALA A 45 -2.05 6.51 -12.57
C ALA A 45 -2.85 6.29 -13.86
N ASP A 46 -2.32 6.73 -15.00
CA ASP A 46 -3.02 6.54 -16.25
C ASP A 46 -3.14 5.06 -16.60
N LEU A 47 -2.07 4.29 -16.37
CA LEU A 47 -2.13 2.85 -16.60
C LEU A 47 -3.20 2.20 -15.73
N VAL A 48 -3.26 2.57 -14.45
CA VAL A 48 -4.24 1.99 -13.54
C VAL A 48 -5.65 2.40 -13.96
N ASP A 49 -5.82 3.65 -14.38
CA ASP A 49 -7.10 4.09 -14.93
C ASP A 49 -7.52 3.24 -16.12
N SER A 50 -6.57 2.88 -17.00
CA SER A 50 -6.90 2.16 -18.23
C SER A 50 -7.44 0.77 -17.94
N LEU A 51 -7.26 0.27 -16.72
CA LEU A 51 -7.71 -1.05 -16.35
C LEU A 51 -9.05 -1.06 -15.63
N ASN A 52 -9.57 0.09 -15.23
CA ASN A 52 -10.71 0.12 -14.30
C ASN A 52 -12.00 -0.25 -15.02
N VAL A 53 -12.44 -1.48 -14.80
CA VAL A 53 -13.68 -1.99 -15.36
C VAL A 53 -14.71 -2.35 -14.30
N TYR A 54 -14.33 -2.40 -13.03
CA TYR A 54 -15.16 -2.90 -11.93
C TYR A 54 -15.04 -1.98 -10.72
N PRO A 55 -16.16 -1.70 -10.01
CA PRO A 55 -17.56 -2.12 -10.25
C PRO A 55 -18.16 -1.52 -11.53
N VAL A 56 -17.90 -0.25 -11.78
CA VAL A 56 -18.34 0.43 -12.99
C VAL A 56 -17.08 0.71 -13.81
N PRO A 57 -17.12 0.55 -15.13
CA PRO A 57 -15.93 0.82 -15.94
C PRO A 57 -15.75 2.31 -16.23
N ASP A 58 -15.53 3.09 -15.17
CA ASP A 58 -15.40 4.53 -15.29
C ASP A 58 -13.96 5.02 -15.36
N GLY A 59 -12.98 4.11 -15.42
CA GLY A 59 -11.63 4.50 -15.82
C GLY A 59 -10.93 5.47 -14.90
N ASP A 60 -11.14 5.35 -13.56
CA ASP A 60 -10.66 6.36 -12.63
C ASP A 60 -9.94 5.82 -11.39
N THR A 61 -9.68 4.51 -11.31
CA THR A 61 -9.06 3.98 -10.10
C THR A 61 -7.71 4.63 -9.84
N GLY A 62 -6.90 4.77 -10.89
CA GLY A 62 -5.58 5.35 -10.71
C GLY A 62 -5.64 6.77 -10.21
N THR A 63 -6.51 7.58 -10.81
CA THR A 63 -6.70 8.94 -10.34
C THR A 63 -7.18 8.98 -8.89
N ASN A 64 -8.14 8.13 -8.54
CA ASN A 64 -8.67 8.12 -7.19
C ASN A 64 -7.59 7.74 -6.18
N MET A 65 -6.85 6.67 -6.46
CA MET A 65 -5.79 6.25 -5.55
C MET A 65 -4.68 7.28 -5.49
N ASN A 66 -4.32 7.87 -6.63
CA ASN A 66 -3.28 8.88 -6.67
C ASN A 66 -3.65 10.09 -5.82
N LEU A 67 -4.89 10.59 -5.97
CA LEU A 67 -5.31 11.73 -5.17
C LEU A 67 -5.28 11.40 -3.69
N THR A 68 -5.71 10.19 -3.31
CA THR A 68 -5.73 9.79 -1.91
C THR A 68 -4.30 9.72 -1.36
N MET A 69 -3.43 9.00 -2.07
CA MET A 69 -2.05 8.84 -1.65
C MET A 69 -1.34 10.19 -1.59
N THR A 70 -1.63 11.08 -2.55
CA THR A 70 -1.01 12.40 -2.56
C THR A 70 -1.37 13.20 -1.30
N SER A 71 -2.61 13.08 -0.84
CA SER A 71 -3.01 13.75 0.39
C SER A 71 -2.21 13.24 1.58
N GLY A 72 -1.97 11.93 1.65
CA GLY A 72 -1.11 11.41 2.69
C GLY A 72 0.33 11.89 2.53
N ARG A 73 0.86 11.86 1.31
CA ARG A 73 2.24 12.28 1.06
CA ARG A 73 2.24 12.28 1.08
C ARG A 73 2.44 13.73 1.46
N GLU A 74 1.50 14.60 1.11
CA GLU A 74 1.64 16.02 1.40
C GLU A 74 1.70 16.27 2.90
N GLU A 75 0.85 15.57 3.67
CA GLU A 75 0.90 15.74 5.12
C GLU A 75 2.24 15.30 5.66
N VAL A 76 2.76 14.19 5.16
CA VAL A 76 4.05 13.66 5.61
C VAL A 76 5.19 14.63 5.29
N GLU A 77 5.23 15.14 4.05
CA GLU A 77 6.33 16.01 3.67
C GLU A 77 6.35 17.29 4.50
N ASN A 78 5.19 17.73 4.97
CA ASN A 78 5.11 18.95 5.77
C ASN A 78 5.32 18.70 7.26
N ASN A 79 5.38 17.45 7.70
CA ASN A 79 5.47 17.10 9.11
CA ASN A 79 5.55 17.15 9.12
C ASN A 79 6.30 15.82 9.26
N LEU A 80 7.60 15.89 8.99
CA LEU A 80 8.46 14.72 9.11
C LEU A 80 8.81 14.48 10.59
N SER A 81 9.18 13.24 10.89
CA SER A 81 9.56 12.84 12.25
C SER A 81 10.50 11.65 12.19
N LYS A 82 11.43 11.60 13.16
CA LYS A 82 12.28 10.42 13.31
C LYS A 82 11.49 9.24 13.84
N ASN A 83 10.32 9.49 14.42
CA ASN A 83 9.53 8.48 15.14
C ASN A 83 8.47 7.92 14.18
N ILE A 84 8.55 6.62 13.91
CA ILE A 84 7.69 6.04 12.89
C ILE A 84 6.22 6.11 13.30
N GLY A 85 5.93 5.93 14.59
CA GLY A 85 4.54 5.98 15.03
C GLY A 85 3.90 7.33 14.81
N GLU A 86 4.65 8.40 15.13
CA GLU A 86 4.15 9.75 14.88
C GLU A 86 4.01 10.03 13.40
N LEU A 87 4.98 9.62 12.61
CA LEU A 87 4.89 9.81 11.16
C LEU A 87 3.68 9.07 10.60
N GLY A 88 3.42 7.88 11.11
CA GLY A 88 2.25 7.13 10.68
C GLY A 88 0.94 7.83 11.01
N LYS A 89 0.86 8.48 12.18
CA LYS A 89 -0.35 9.24 12.50
C LYS A 89 -0.57 10.34 11.47
N THR A 90 0.50 11.01 11.07
CA THR A 90 0.42 12.07 10.07
C THR A 90 -0.02 11.52 8.72
N PHE A 91 0.58 10.41 8.28
CA PHE A 91 0.20 9.79 7.02
C PHE A 91 -1.27 9.35 7.04
N SER A 92 -1.66 8.64 8.10
CA SER A 92 -3.02 8.14 8.24
C SER A 92 -4.03 9.28 8.15
N LYS A 93 -3.79 10.36 8.88
CA LYS A 93 -4.72 11.50 8.85
C LYS A 93 -4.82 12.06 7.44
N GLY A 94 -3.71 12.20 6.74
CA GLY A 94 -3.74 12.73 5.39
C GLY A 94 -4.55 11.85 4.45
N LEU A 95 -4.36 10.54 4.54
CA LEU A 95 -5.12 9.64 3.68
C LEU A 95 -6.62 9.73 3.98
N LEU A 96 -6.98 9.73 5.26
CA LEU A 96 -8.38 9.60 5.64
C LEU A 96 -9.18 10.85 5.33
N MET A 97 -8.56 12.02 5.28
CA MET A 97 -9.33 13.19 4.90
CA MET A 97 -9.24 13.25 4.92
C MET A 97 -9.17 13.55 3.43
N GLY A 98 -8.56 12.66 2.63
CA GLY A 98 -8.43 12.87 1.20
C GLY A 98 -8.81 11.65 0.39
N ALA A 99 -9.54 10.72 1.02
CA ALA A 99 -9.83 9.44 0.36
C ALA A 99 -10.88 9.63 -0.72
N ARG A 100 -10.58 9.15 -1.92
CA ARG A 100 -11.43 9.31 -3.09
C ARG A 100 -11.74 7.94 -3.69
N GLY A 101 -13.02 7.67 -3.93
CA GLY A 101 -13.43 6.46 -4.63
C GLY A 101 -13.35 5.22 -3.77
N ASN A 102 -13.91 4.12 -4.27
CA ASN A 102 -13.84 2.88 -3.52
C ASN A 102 -12.38 2.53 -3.25
N SER A 103 -11.52 2.72 -4.24
CA SER A 103 -10.13 2.31 -4.11
C SER A 103 -9.37 3.19 -3.14
N GLY A 104 -9.62 4.50 -3.17
CA GLY A 104 -8.96 5.39 -2.24
C GLY A 104 -9.42 5.17 -0.81
N VAL A 105 -10.73 4.94 -0.63
CA VAL A 105 -11.22 4.60 0.71
C VAL A 105 -10.55 3.33 1.20
N ILE A 106 -10.50 2.29 0.39
CA ILE A 106 -9.87 1.06 0.84
C ILE A 106 -8.39 1.28 1.15
N LEU A 107 -7.68 2.02 0.28
CA LEU A 107 -6.27 2.32 0.51
C LEU A 107 -6.08 3.03 1.85
N SER A 108 -6.93 4.01 2.12
CA SER A 108 -6.85 4.74 3.39
C SER A 108 -7.10 3.84 4.58
N GLN A 109 -7.99 2.85 4.44
CA GLN A 109 -8.30 1.95 5.55
C GLN A 109 -7.18 0.92 5.76
N LEU A 110 -6.59 0.41 4.68
CA LEU A 110 -5.40 -0.43 4.78
C LEU A 110 -4.32 0.27 5.59
N PHE A 111 -4.05 1.52 5.26
CA PHE A 111 -2.99 2.22 5.95
C PHE A 111 -3.41 2.76 7.30
N ARG A 112 -4.71 2.98 7.54
CA ARG A 112 -5.14 3.30 8.89
C ARG A 112 -4.77 2.17 9.84
N GLY A 113 -5.09 0.94 9.45
CA GLY A 113 -4.79 -0.19 10.32
C GLY A 113 -3.29 -0.44 10.45
N PHE A 114 -2.55 -0.29 9.35
CA PHE A 114 -1.09 -0.42 9.38
C PHE A 114 -0.49 0.56 10.38
N CYS A 115 -0.88 1.83 10.27
CA CYS A 115 -0.26 2.85 11.10
C CYS A 115 -0.71 2.75 12.55
N LYS A 116 -1.98 2.39 12.79
CA LYS A 116 -2.43 2.21 14.16
C LYS A 116 -1.58 1.17 14.87
N ASN A 117 -1.18 0.12 14.14
CA ASN A 117 -0.43 -0.97 14.73
C ASN A 117 0.95 -0.54 15.23
N ILE A 118 1.49 0.56 14.72
CA ILE A 118 2.84 1.00 15.06
C ILE A 118 2.83 2.36 15.77
N GLU A 119 1.67 2.81 16.25
CA GLU A 119 1.55 4.19 16.71
CA GLU A 119 1.55 4.19 16.71
C GLU A 119 2.50 4.53 17.85
N SER A 120 2.90 3.55 18.67
CA SER A 120 3.75 3.81 19.83
CA SER A 120 3.75 3.84 19.81
C SER A 120 5.22 3.51 19.57
N GLU A 121 5.59 3.12 18.35
CA GLU A 121 6.95 2.74 18.05
C GLU A 121 7.75 3.90 17.51
N SER A 122 9.07 3.88 17.76
CA SER A 122 9.98 4.82 17.10
C SER A 122 10.56 4.22 15.81
N GLU A 123 10.79 2.91 15.77
CA GLU A 123 11.21 2.22 14.56
C GLU A 123 10.64 0.81 14.63
N ILE A 124 10.55 0.15 13.47
CA ILE A 124 10.01 -1.20 13.43
C ILE A 124 10.96 -2.14 12.69
N ASN A 125 10.91 -3.42 13.07
CA ASN A 125 11.68 -4.46 12.40
C ASN A 125 10.81 -5.16 11.36
N SER A 126 11.40 -6.18 10.72
CA SER A 126 10.69 -6.85 9.61
C SER A 126 9.43 -7.56 10.09
N LYS A 127 9.48 -8.16 11.27
CA LYS A 127 8.29 -8.85 11.79
C LYS A 127 7.16 -7.87 12.06
N LEU A 128 7.47 -6.70 12.62
CA LEU A 128 6.42 -5.72 12.88
C LEU A 128 5.93 -5.08 11.58
N LEU A 129 6.81 -4.91 10.59
CA LEU A 129 6.34 -4.48 9.26
C LEU A 129 5.29 -5.46 8.74
N ALA A 130 5.59 -6.76 8.79
CA ALA A 130 4.64 -7.75 8.30
C ALA A 130 3.35 -7.72 9.09
N GLU A 131 3.44 -7.64 10.42
CA GLU A 131 2.25 -7.60 11.26
C GLU A 131 1.41 -6.36 10.95
N SER A 132 2.05 -5.27 10.56
CA SER A 132 1.32 -4.04 10.28
C SER A 132 0.58 -4.14 8.95
N PHE A 133 1.18 -4.79 7.94
CA PHE A 133 0.42 -5.08 6.73
C PHE A 133 -0.83 -5.90 7.08
N GLN A 134 -0.68 -6.94 7.91
CA GLN A 134 -1.82 -7.77 8.27
C GLN A 134 -2.88 -6.97 9.01
N ALA A 135 -2.47 -6.10 9.93
CA ALA A 135 -3.44 -5.26 10.65
C ALA A 135 -4.22 -4.39 9.68
N GLY A 136 -3.55 -3.89 8.65
CA GLY A 136 -4.24 -3.10 7.64
C GLY A 136 -5.26 -3.91 6.87
N VAL A 137 -4.93 -5.15 6.52
CA VAL A 137 -5.90 -6.02 5.85
C VAL A 137 -7.15 -6.19 6.70
N GLU A 138 -6.97 -6.43 7.99
CA GLU A 138 -8.12 -6.63 8.87
CA GLU A 138 -8.12 -6.63 8.87
C GLU A 138 -9.00 -5.39 8.91
N THR A 139 -8.38 -4.21 9.05
CA THR A 139 -9.14 -2.97 9.07
C THR A 139 -9.92 -2.78 7.78
N ALA A 140 -9.28 -3.02 6.63
CA ALA A 140 -9.93 -2.76 5.36
C ALA A 140 -11.08 -3.74 5.12
N TYR A 141 -10.89 -5.02 5.43
CA TYR A 141 -11.99 -5.98 5.25
C TYR A 141 -13.19 -5.60 6.12
N LYS A 142 -12.93 -5.15 7.36
CA LYS A 142 -14.03 -4.78 8.24
C LYS A 142 -14.74 -3.51 7.76
N ALA A 143 -14.03 -2.63 7.06
CA ALA A 143 -14.59 -1.37 6.59
C ALA A 143 -15.53 -1.54 5.40
N VAL A 144 -15.37 -2.60 4.61
CA VAL A 144 -16.14 -2.84 3.40
C VAL A 144 -17.32 -3.74 3.77
N MET A 145 -18.54 -3.26 3.57
CA MET A 145 -19.71 -4.02 4.02
C MET A 145 -19.83 -5.35 3.29
N LYS A 146 -19.55 -5.36 1.98
CA LYS A 146 -19.66 -6.56 1.15
C LYS A 146 -18.38 -6.75 0.36
N PRO A 147 -17.33 -7.28 0.99
CA PRO A 147 -16.08 -7.52 0.27
C PRO A 147 -16.26 -8.51 -0.86
N VAL A 148 -15.55 -8.24 -1.97
CA VAL A 148 -15.54 -9.10 -3.15
C VAL A 148 -14.08 -9.49 -3.40
N GLU A 149 -13.86 -10.77 -3.70
CA GLU A 149 -12.53 -11.29 -3.98
C GLU A 149 -12.13 -11.04 -5.43
N GLY A 150 -10.83 -11.03 -5.68
CA GLY A 150 -10.30 -10.64 -6.96
C GLY A 150 -9.96 -9.17 -7.05
N THR A 151 -9.73 -8.53 -5.91
CA THR A 151 -9.69 -7.09 -5.81
C THR A 151 -8.48 -6.63 -5.02
N ILE A 152 -8.43 -5.32 -4.71
CA ILE A 152 -7.37 -4.79 -3.87
C ILE A 152 -7.34 -5.49 -2.52
N LEU A 153 -8.50 -5.89 -1.99
CA LEU A 153 -8.52 -6.59 -0.71
C LEU A 153 -7.77 -7.92 -0.80
N THR A 154 -8.02 -8.68 -1.86
CA THR A 154 -7.36 -9.96 -2.06
C THR A 154 -5.85 -9.78 -2.16
N VAL A 155 -5.42 -8.82 -2.97
CA VAL A 155 -3.99 -8.60 -3.16
C VAL A 155 -3.34 -8.20 -1.85
N ALA A 156 -3.98 -7.30 -1.09
CA ALA A 156 -3.43 -6.90 0.19
C ALA A 156 -3.35 -8.10 1.14
N LYS A 157 -4.40 -8.92 1.19
CA LYS A 157 -4.45 -10.08 2.05
C LYS A 157 -3.33 -11.06 1.72
N ASP A 158 -3.16 -11.38 0.45
CA ASP A 158 -2.13 -12.33 0.03
C ASP A 158 -0.73 -11.76 0.29
N ALA A 159 -0.56 -10.45 0.07
CA ALA A 159 0.72 -9.82 0.35
C ALA A 159 1.06 -9.91 1.84
N ALA A 160 0.07 -9.67 2.71
CA ALA A 160 0.34 -9.68 4.15
C ALA A 160 0.63 -11.09 4.65
N GLN A 161 -0.06 -12.09 4.12
CA GLN A 161 0.21 -13.45 4.54
C GLN A 161 1.64 -13.83 4.16
N ALA A 162 2.05 -13.46 2.95
CA ALA A 162 3.43 -13.68 2.52
C ALA A 162 4.41 -12.94 3.42
N ALA A 163 4.08 -11.71 3.80
CA ALA A 163 4.98 -10.94 4.66
C ALA A 163 5.20 -11.65 5.98
N ILE A 164 4.13 -12.15 6.60
CA ILE A 164 4.24 -12.80 7.90
CA ILE A 164 4.26 -12.79 7.90
C ILE A 164 5.11 -14.04 7.78
N GLU A 165 4.87 -14.84 6.75
CA GLU A 165 5.62 -16.09 6.60
C GLU A 165 7.10 -15.80 6.44
N LYS A 166 7.43 -14.82 5.58
CA LYS A 166 8.81 -14.55 5.24
C LYS A 166 9.55 -13.85 6.38
N ALA A 167 8.88 -12.93 7.07
CA ALA A 167 9.56 -12.16 8.10
C ALA A 167 9.99 -13.03 9.25
N ASN A 168 9.35 -14.18 9.43
CA ASN A 168 9.71 -15.06 10.53
C ASN A 168 11.14 -15.57 10.42
N ASN A 169 11.75 -15.51 9.22
CA ASN A 169 13.13 -15.94 9.04
C ASN A 169 13.98 -14.94 8.28
N THR A 170 13.49 -13.72 8.09
CA THR A 170 14.15 -12.72 7.25
C THR A 170 14.20 -11.41 8.02
N GLU A 171 15.40 -11.05 8.50
CA GLU A 171 15.59 -9.78 9.20
C GLU A 171 15.63 -8.59 8.25
N ASP A 172 16.12 -8.78 7.03
CA ASP A 172 16.33 -7.67 6.11
C ASP A 172 14.99 -7.23 5.52
N CYS A 173 14.62 -5.97 5.76
CA CYS A 173 13.37 -5.46 5.24
C CYS A 173 13.39 -5.32 3.72
N ILE A 174 14.56 -5.15 3.09
CA ILE A 174 14.61 -5.14 1.63
C ILE A 174 14.20 -6.50 1.07
N GLU A 175 14.87 -7.56 1.52
CA GLU A 175 14.53 -8.92 1.11
C GLU A 175 13.07 -9.23 1.40
N LEU A 176 12.59 -8.83 2.56
CA LEU A 176 11.17 -9.05 2.88
C LEU A 176 10.28 -8.34 1.86
N MET A 177 10.53 -7.06 1.60
CA MET A 177 9.66 -6.31 0.71
C MET A 177 9.71 -6.87 -0.70
N GLU A 178 10.88 -7.32 -1.15
CA GLU A 178 11.00 -7.96 -2.45
C GLU A 178 10.08 -9.17 -2.54
N TYR A 179 10.06 -9.98 -1.49
CA TYR A 179 9.20 -11.17 -1.47
C TYR A 179 7.73 -10.80 -1.44
N ILE A 180 7.37 -9.80 -0.62
CA ILE A 180 6.00 -9.31 -0.60
C ILE A 180 5.55 -8.93 -2.01
N ILE A 181 6.41 -8.23 -2.75
CA ILE A 181 6.06 -7.80 -4.10
C ILE A 181 5.90 -8.99 -5.03
N VAL A 182 6.78 -10.00 -4.94
CA VAL A 182 6.62 -11.19 -5.77
C VAL A 182 5.24 -11.80 -5.52
N LYS A 183 4.89 -11.97 -4.23
CA LYS A 183 3.66 -12.66 -3.90
C LYS A 183 2.44 -11.79 -4.17
N ALA A 184 2.55 -10.48 -3.99
CA ALA A 184 1.46 -9.58 -4.34
C ALA A 184 1.21 -9.60 -5.84
N ASN A 185 2.28 -9.63 -6.64
CA ASN A 185 2.10 -9.75 -8.07
C ASN A 185 1.45 -11.06 -8.47
N GLU A 186 1.83 -12.18 -7.84
CA GLU A 186 1.14 -13.44 -8.13
C GLU A 186 -0.35 -13.32 -7.83
N SER A 187 -0.70 -12.72 -6.69
CA SER A 187 -2.09 -12.52 -6.34
C SER A 187 -2.78 -11.63 -7.37
N LEU A 188 -2.15 -10.54 -7.76
CA LEU A 188 -2.74 -9.66 -8.76
C LEU A 188 -3.00 -10.40 -10.06
N GLU A 189 -2.03 -11.19 -10.52
CA GLU A 189 -2.21 -11.94 -11.76
C GLU A 189 -3.32 -12.98 -11.63
N ASN A 190 -3.65 -13.40 -10.42
CA ASN A 190 -4.73 -14.34 -10.20
C ASN A 190 -6.10 -13.68 -10.07
N THR A 191 -6.17 -12.36 -9.95
CA THR A 191 -7.47 -11.70 -9.76
C THR A 191 -8.49 -12.08 -10.83
N PRO A 192 -8.14 -12.23 -12.11
CA PRO A 192 -9.17 -12.62 -13.09
C PRO A 192 -9.76 -13.99 -12.85
N ASN A 193 -9.09 -14.85 -12.09
CA ASN A 193 -9.64 -16.16 -11.76
C ASN A 193 -10.64 -16.11 -10.63
N LEU A 194 -10.81 -14.96 -9.98
CA LEU A 194 -11.78 -14.79 -8.90
C LEU A 194 -12.96 -13.90 -9.29
N LEU A 195 -12.76 -12.96 -10.21
CA LEU A 195 -13.73 -11.91 -10.53
C LEU A 195 -13.97 -11.99 -12.04
N ALA A 196 -15.17 -12.43 -12.42
CA ALA A 196 -15.42 -12.82 -13.82
C ALA A 196 -15.16 -11.68 -14.80
N VAL A 197 -15.59 -10.46 -14.47
CA VAL A 197 -15.48 -9.37 -15.44
C VAL A 197 -14.02 -9.13 -15.82
N LEU A 198 -13.09 -9.35 -14.89
CA LEU A 198 -11.68 -9.16 -15.20
C LEU A 198 -11.23 -10.14 -16.27
N LYS A 199 -11.60 -11.40 -16.14
CA LYS A 199 -11.24 -12.41 -17.13
C LYS A 199 -11.92 -12.14 -18.46
N GLU A 200 -13.21 -11.77 -18.42
CA GLU A 200 -13.94 -11.55 -19.66
C GLU A 200 -13.40 -10.36 -20.44
N VAL A 201 -13.03 -9.28 -19.75
CA VAL A 201 -12.48 -8.12 -20.43
C VAL A 201 -11.03 -8.35 -20.79
N GLY A 202 -10.27 -9.03 -19.93
CA GLY A 202 -8.87 -9.28 -20.15
C GLY A 202 -7.92 -8.36 -19.40
N VAL A 203 -8.25 -8.02 -18.15
CA VAL A 203 -7.42 -7.15 -17.32
C VAL A 203 -7.25 -7.75 -15.94
N VAL A 204 -6.22 -7.31 -15.22
CA VAL A 204 -6.12 -7.56 -13.79
C VAL A 204 -6.89 -6.46 -13.05
N ASP A 205 -7.05 -6.63 -11.74
CA ASP A 205 -7.80 -5.65 -10.97
C ASP A 205 -7.04 -4.32 -10.85
N SER A 206 -7.73 -3.23 -11.14
CA SER A 206 -7.08 -1.91 -11.11
CA SER A 206 -7.12 -1.90 -11.10
C SER A 206 -6.67 -1.52 -9.70
N GLY A 207 -7.54 -1.73 -8.70
CA GLY A 207 -7.16 -1.38 -7.34
C GLY A 207 -5.93 -2.14 -6.90
N GLY A 208 -5.88 -3.43 -7.18
CA GLY A 208 -4.71 -4.20 -6.85
C GLY A 208 -3.45 -3.72 -7.56
N LYS A 209 -3.59 -3.33 -8.83
CA LYS A 209 -2.44 -2.80 -9.56
C LYS A 209 -1.94 -1.51 -8.92
N GLY A 210 -2.85 -0.62 -8.52
CA GLY A 210 -2.43 0.59 -7.81
C GLY A 210 -1.69 0.28 -6.52
N LEU A 211 -2.18 -0.69 -5.76
CA LEU A 211 -1.50 -1.09 -4.53
C LEU A 211 -0.10 -1.60 -4.82
N LEU A 212 0.06 -2.42 -5.86
CA LEU A 212 1.39 -2.89 -6.24
C LEU A 212 2.31 -1.73 -6.55
N CYS A 213 1.81 -0.71 -7.22
CA CYS A 213 2.65 0.45 -7.54
C CYS A 213 3.16 1.11 -6.27
N VAL A 214 2.31 1.23 -5.25
CA VAL A 214 2.76 1.77 -3.98
C VAL A 214 3.84 0.90 -3.38
N TYR A 215 3.63 -0.42 -3.37
CA TYR A 215 4.60 -1.33 -2.79
C TYR A 215 5.94 -1.27 -3.51
N GLU A 216 5.92 -1.16 -4.84
CA GLU A 216 7.16 -1.04 -5.59
C GLU A 216 7.94 0.20 -5.18
N GLY A 217 7.24 1.31 -4.92
CA GLY A 217 7.91 2.49 -4.40
C GLY A 217 8.45 2.30 -2.99
N PHE A 218 7.72 1.56 -2.14
CA PHE A 218 8.24 1.23 -0.82
C PHE A 218 9.62 0.56 -0.97
N LEU A 219 9.74 -0.39 -1.90
CA LEU A 219 11.00 -1.10 -2.07
C LEU A 219 12.11 -0.15 -2.50
N LYS A 220 11.82 0.75 -3.45
CA LYS A 220 12.83 1.71 -3.87
CA LYS A 220 12.84 1.70 -3.87
C LYS A 220 13.35 2.50 -2.68
N ALA A 221 12.45 2.96 -1.82
CA ALA A 221 12.87 3.74 -0.66
C ALA A 221 13.72 2.92 0.30
N LEU A 222 13.34 1.66 0.52
CA LEU A 222 14.12 0.80 1.41
C LEU A 222 15.54 0.63 0.90
N LYS A 223 15.73 0.64 -0.43
CA LYS A 223 17.04 0.53 -1.06
C LYS A 223 17.76 1.89 -1.14
N GLY A 224 17.18 2.95 -0.59
CA GLY A 224 17.80 4.27 -0.67
C GLY A 224 17.77 4.88 -2.04
N GLU A 225 16.78 4.52 -2.85
CA GLU A 225 16.65 4.97 -4.23
C GLU A 225 15.43 5.85 -4.37
N LYS A 226 15.37 6.53 -5.52
CA LYS A 226 14.31 7.48 -5.81
C LYS A 226 13.59 7.07 -7.08
N VAL A 227 12.27 7.21 -7.07
CA VAL A 227 11.45 7.01 -8.25
C VAL A 227 11.55 8.28 -9.10
N GLU A 228 11.90 8.12 -10.37
CA GLU A 228 11.96 9.28 -11.26
C GLU A 228 10.55 9.78 -11.53
N ALA A 229 10.36 11.10 -11.46
CA ALA A 229 9.04 11.67 -11.65
C ALA A 229 8.73 11.81 -13.14
N LYS A 230 7.57 11.29 -13.56
CA LYS A 230 7.12 11.44 -14.94
C LYS A 230 6.28 12.71 -15.07
#